data_2IFY
#
_entry.id   2IFY
#
_cell.length_a   43.620
_cell.length_b   72.737
_cell.length_c   185.176
_cell.angle_alpha   90.00
_cell.angle_beta   90.00
_cell.angle_gamma   90.00
#
_symmetry.space_group_name_H-M   'P 21 21 21'
#
loop_
_entity.id
_entity.type
_entity.pdbx_description
1 polymer '2,3-bisphosphoglycerate-independent phosphoglycerate mutase'
2 non-polymer 'MANGANESE (II) ION'
3 water water
#
_entity_poly.entity_id   1
_entity_poly.type   'polypeptide(L)'
_entity_poly.pdbx_seq_one_letter_code
;RKPTALIILDGFGLREETYGNAVAQAKKPNFDGYWNKFPHTTLTACGEAVGLPEGQMGNSEVGHLNIGAGRIVYQSLTRV
NVAIREGEFDKNETFQSAIKSVKEKGTALHLFGLLSDGGVHSHMNHMFALLRLAAKEGVEKVYIHAFLDGRDVGPKTAQS
YIDATNEVIKETGVGQFATISGRYYSMDRDKRWDRVEKCYRAMVNGEGPTYKSAEECVEDSYANGIYDEFVLPSVIVNED
NTPVATINDDDAVIFYNFRPDRAIQIARVFTNGDFREFDRGEKVPHIPEFVCMTHFSETVDGYVAFKPMNLDNTLGEVVA
QAGLKQLRIAETEKYPHVTFFFSGGREAEFPGEERILINSPKVATYDLKPEMSIYEVTDALVNEIENDKHDVIILNFANC
DMVGHSGMMEPTIKAVEATDECLGKVVEAILAKDGVALITADHGNADEELTSEGEPMTAHTTNPVPFIVTKNDVELREDG
ILGDIAPTMLTLLGVEQPKEMTGKTIIK
;
_entity_poly.pdbx_strand_id   A
#
# COMPACT_ATOMS: atom_id res chain seq x y z
N ARG A 1 -18.00 34.16 -3.65
CA ARG A 1 -17.37 32.90 -3.18
C ARG A 1 -17.10 31.98 -4.37
N LYS A 2 -15.84 31.91 -4.77
CA LYS A 2 -15.48 31.27 -6.02
C LYS A 2 -15.00 29.84 -5.79
N PRO A 3 -15.81 28.86 -6.20
CA PRO A 3 -15.56 27.46 -5.88
C PRO A 3 -14.39 26.87 -6.67
N THR A 4 -13.57 26.08 -5.97
CA THR A 4 -12.42 25.43 -6.54
C THR A 4 -12.71 23.95 -6.46
N ALA A 5 -13.04 23.36 -7.60
CA ALA A 5 -13.53 21.99 -7.65
C ALA A 5 -12.45 21.06 -8.17
N LEU A 6 -12.18 19.99 -7.41
CA LEU A 6 -11.37 18.90 -7.89
C LEU A 6 -12.30 17.81 -8.40
N ILE A 7 -12.09 17.39 -9.65
CA ILE A 7 -13.05 16.50 -10.33
C ILE A 7 -12.34 15.22 -10.77
N ILE A 8 -12.71 14.11 -10.12
CA ILE A 8 -12.03 12.84 -10.35
C ILE A 8 -12.89 11.93 -11.21
N LEU A 9 -12.48 11.76 -12.46
CA LEU A 9 -13.24 10.99 -13.46
C LEU A 9 -13.26 9.49 -13.17
N ASP A 10 -12.13 8.95 -12.73
CA ASP A 10 -12.05 7.62 -12.13
C ASP A 10 -12.20 6.46 -13.12
N GLY A 11 -11.06 5.88 -13.48
CA GLY A 11 -11.01 4.78 -14.43
C GLY A 11 -10.90 5.33 -15.84
N PHE A 12 -10.51 6.61 -15.93
CA PHE A 12 -10.42 7.37 -17.19
C PHE A 12 -8.95 7.69 -17.43
N GLY A 13 -8.30 6.91 -18.29
CA GLY A 13 -6.88 7.12 -18.58
C GLY A 13 -6.66 7.60 -20.01
N LEU A 14 -5.47 8.10 -20.29
CA LEU A 14 -5.18 8.63 -21.63
C LEU A 14 -4.32 7.71 -22.48
N ARG A 15 -4.94 7.16 -23.52
CA ARG A 15 -4.27 6.24 -24.42
C ARG A 15 -4.40 6.65 -25.90
N GLU A 16 -3.25 6.76 -26.53
CA GLU A 16 -3.12 7.09 -27.96
C GLU A 16 -3.75 6.04 -28.89
N GLU A 17 -3.64 4.76 -28.53
CA GLU A 17 -4.19 3.68 -29.36
C GLU A 17 -5.72 3.66 -29.22
N THR A 18 -6.40 3.43 -30.34
CA THR A 18 -7.84 3.53 -30.38
C THR A 18 -8.59 2.20 -30.29
N TYR A 19 -7.97 1.12 -30.77
CA TYR A 19 -8.52 -0.20 -30.56
C TYR A 19 -8.71 -0.49 -29.07
N GLY A 20 -9.88 -0.97 -28.66
CA GLY A 20 -10.13 -1.29 -27.25
C GLY A 20 -10.19 -0.09 -26.32
N ASN A 21 -10.14 1.12 -26.88
CA ASN A 21 -10.19 2.30 -26.05
C ASN A 21 -11.62 2.83 -25.98
N ALA A 22 -12.29 2.68 -24.83
CA ALA A 22 -13.64 3.21 -24.72
C ALA A 22 -13.67 4.73 -24.59
N VAL A 23 -12.61 5.29 -24.00
CA VAL A 23 -12.43 6.72 -23.85
C VAL A 23 -12.25 7.40 -25.21
N ALA A 24 -11.32 6.91 -26.01
CA ALA A 24 -11.06 7.47 -27.34
C ALA A 24 -12.21 7.26 -28.31
N GLN A 25 -12.91 6.14 -28.20
CA GLN A 25 -14.00 5.81 -29.12
C GLN A 25 -15.29 6.49 -28.69
N ALA A 26 -15.27 7.07 -27.48
CA ALA A 26 -16.46 7.77 -26.99
C ALA A 26 -16.45 9.21 -27.49
N LYS A 27 -17.61 9.73 -27.89
CA LYS A 27 -17.77 11.14 -28.23
C LYS A 27 -17.78 12.01 -26.97
N LYS A 28 -16.72 12.77 -26.74
CA LYS A 28 -16.66 13.59 -25.53
C LYS A 28 -16.41 15.08 -25.83
N PRO A 29 -17.41 15.82 -26.34
CA PRO A 29 -17.24 17.22 -26.75
C PRO A 29 -16.94 18.16 -25.58
N ASN A 30 -17.46 17.82 -24.40
CA ASN A 30 -17.21 18.58 -23.20
C ASN A 30 -15.77 18.44 -22.70
N PHE A 31 -15.28 17.21 -22.62
CA PHE A 31 -13.90 16.96 -22.22
C PHE A 31 -12.90 17.47 -23.28
N ASP A 32 -13.20 17.20 -24.55
CA ASP A 32 -12.34 17.68 -25.63
C ASP A 32 -12.35 19.20 -25.76
N GLY A 33 -13.49 19.83 -25.47
CA GLY A 33 -13.59 21.29 -25.50
C GLY A 33 -12.73 21.93 -24.43
N TYR A 34 -12.67 21.29 -23.25
CA TYR A 34 -11.92 21.82 -22.11
C TYR A 34 -10.41 21.59 -22.27
N TRP A 35 -10.07 20.44 -22.82
CA TRP A 35 -8.68 20.09 -23.13
C TRP A 35 -8.13 21.14 -24.10
N ASN A 36 -8.90 21.42 -25.14
CA ASN A 36 -8.43 22.32 -26.19
C ASN A 36 -8.46 23.81 -25.84
N LYS A 37 -9.27 24.21 -24.86
CA LYS A 37 -9.36 25.63 -24.47
C LYS A 37 -8.59 26.03 -23.20
N PHE A 38 -8.35 25.06 -22.32
CA PHE A 38 -7.68 25.32 -21.06
C PHE A 38 -6.32 24.61 -21.03
N PRO A 39 -5.40 25.11 -20.18
CA PRO A 39 -4.10 24.49 -19.97
C PRO A 39 -4.26 23.05 -19.49
N HIS A 40 -3.64 22.12 -20.19
CA HIS A 40 -3.78 20.70 -19.90
C HIS A 40 -2.43 20.00 -19.78
N THR A 41 -2.40 18.88 -19.05
CA THR A 41 -1.22 18.05 -18.98
C THR A 41 -1.61 16.63 -18.61
N THR A 42 -0.65 15.71 -18.63
CA THR A 42 -0.81 14.34 -18.18
C THR A 42 -0.02 14.14 -16.90
N LEU A 43 -0.49 13.18 -16.09
CA LEU A 43 0.16 12.79 -14.84
C LEU A 43 0.28 11.27 -14.78
N THR A 44 1.44 10.81 -14.33
CA THR A 44 1.61 9.38 -14.05
C THR A 44 0.83 9.00 -12.79
N ALA A 45 -0.12 8.07 -12.94
CA ALA A 45 -0.83 7.57 -11.76
C ALA A 45 -0.33 6.21 -11.27
N CYS A 46 0.85 5.76 -11.70
CA CYS A 46 1.22 4.35 -11.57
C CYS A 46 2.58 4.08 -10.90
N GLY A 47 2.83 2.80 -10.61
CA GLY A 47 4.06 2.31 -9.98
C GLY A 47 4.45 3.09 -8.74
N GLU A 48 5.73 3.43 -8.64
CA GLU A 48 6.28 4.14 -7.50
C GLU A 48 5.88 5.61 -7.41
N ALA A 49 5.36 6.18 -8.49
CA ALA A 49 4.80 7.53 -8.45
C ALA A 49 3.64 7.65 -7.46
N VAL A 50 3.12 6.51 -7.01
CA VAL A 50 1.96 6.45 -6.13
C VAL A 50 2.18 5.39 -5.06
N GLY A 51 3.45 5.12 -4.77
CA GLY A 51 3.82 4.30 -3.63
C GLY A 51 3.67 2.82 -3.85
N LEU A 52 3.55 2.40 -5.11
CA LEU A 52 3.36 1.00 -5.49
C LEU A 52 4.62 0.44 -6.16
N PRO A 53 4.70 -0.88 -6.40
CA PRO A 53 5.85 -1.38 -7.17
C PRO A 53 5.81 -0.87 -8.60
N GLU A 54 6.99 -0.81 -9.23
CA GLU A 54 7.04 -0.34 -10.61
C GLU A 54 6.38 -1.26 -11.62
N GLY A 55 5.70 -0.63 -12.57
CA GLY A 55 4.90 -1.35 -13.56
C GLY A 55 3.43 -1.36 -13.17
N GLN A 56 3.15 -1.77 -11.92
CA GLN A 56 1.80 -1.93 -11.37
C GLN A 56 0.86 -0.74 -11.51
N MET A 57 -0.26 -0.99 -12.18
CA MET A 57 -1.43 -0.10 -12.21
C MET A 57 -1.88 0.35 -10.82
N GLY A 58 -2.40 1.57 -10.77
CA GLY A 58 -3.02 2.10 -9.57
C GLY A 58 -4.42 1.60 -9.32
N ASN A 59 -4.96 1.96 -8.15
CA ASN A 59 -6.30 1.54 -7.74
C ASN A 59 -6.96 2.70 -7.03
N SER A 60 -8.27 2.67 -6.86
CA SER A 60 -8.98 3.83 -6.32
C SER A 60 -8.42 4.32 -5.00
N GLU A 61 -7.93 3.37 -4.20
CA GLU A 61 -7.64 3.60 -2.80
C GLU A 61 -6.27 4.25 -2.59
N VAL A 62 -5.27 3.86 -3.38
CA VAL A 62 -3.98 4.53 -3.31
C VAL A 62 -4.01 5.81 -4.14
N GLY A 63 -4.74 5.80 -5.24
CA GLY A 63 -4.98 7.00 -6.02
C GLY A 63 -5.52 8.15 -5.19
N HIS A 64 -6.64 7.91 -4.50
CA HIS A 64 -7.26 8.96 -3.68
C HIS A 64 -6.46 9.34 -2.42
N LEU A 65 -5.82 8.35 -1.80
CA LEU A 65 -4.87 8.58 -0.70
C LEU A 65 -3.74 9.47 -1.18
N ASN A 66 -3.22 9.18 -2.37
CA ASN A 66 -2.21 10.04 -3.01
C ASN A 66 -2.68 11.44 -3.39
N ILE A 67 -3.86 11.52 -4.00
CA ILE A 67 -4.44 12.80 -4.42
C ILE A 67 -4.70 13.74 -3.24
N GLY A 68 -5.31 13.22 -2.17
CA GLY A 68 -5.60 14.00 -0.96
C GLY A 68 -4.33 14.37 -0.21
N ALA A 69 -3.32 13.51 -0.26
CA ALA A 69 -2.15 13.67 0.58
C ALA A 69 -1.17 14.78 0.15
N GLY A 70 -1.00 14.97 -1.15
CA GLY A 70 -0.06 15.95 -1.68
C GLY A 70 1.37 15.51 -1.44
N ARG A 71 1.60 14.20 -1.62
CA ARG A 71 2.90 13.55 -1.40
C ARG A 71 2.82 12.13 -1.95
N ILE A 72 3.98 11.48 -2.11
CA ILE A 72 3.98 10.04 -2.37
C ILE A 72 3.71 9.27 -1.08
N VAL A 73 2.64 8.47 -1.10
CA VAL A 73 2.24 7.64 0.04
C VAL A 73 2.70 6.22 -0.22
N TYR A 74 3.82 5.85 0.38
CA TYR A 74 4.38 4.54 0.10
C TYR A 74 3.63 3.40 0.79
N GLN A 75 3.48 2.32 0.04
CA GLN A 75 3.05 1.05 0.57
C GLN A 75 4.25 0.24 1.11
N SER A 76 4.01 -0.52 2.17
CA SER A 76 5.05 -1.27 2.88
C SER A 76 6.13 -1.98 2.06
N LEU A 77 5.74 -2.93 1.21
CA LEU A 77 6.68 -3.64 0.32
C LEU A 77 7.54 -2.77 -0.61
N THR A 78 6.96 -1.72 -1.20
CA THR A 78 7.71 -0.75 -2.03
C THR A 78 8.58 0.20 -1.20
N ARG A 79 8.06 0.64 -0.05
CA ARG A 79 8.83 1.46 0.89
C ARG A 79 10.23 0.91 1.19
N VAL A 80 10.30 -0.34 1.65
CA VAL A 80 11.57 -0.99 1.99
C VAL A 80 12.35 -1.31 0.72
N ASN A 81 11.66 -1.75 -0.33
CA ASN A 81 12.28 -2.04 -1.62
C ASN A 81 13.11 -0.85 -2.15
N VAL A 82 12.51 0.33 -2.11
CA VAL A 82 13.22 1.57 -2.45
C VAL A 82 14.39 1.85 -1.50
N ALA A 83 14.23 1.55 -0.22
CA ALA A 83 15.32 1.73 0.75
C ALA A 83 16.51 0.80 0.51
N ILE A 84 16.25 -0.40 0.01
CA ILE A 84 17.35 -1.30 -0.34
C ILE A 84 18.01 -0.90 -1.65
N ARG A 85 17.19 -0.54 -2.64
CA ARG A 85 17.65 -0.09 -3.96
C ARG A 85 18.57 1.13 -3.86
N GLU A 86 18.09 2.17 -3.18
CA GLU A 86 18.77 3.45 -3.01
C GLU A 86 19.80 3.49 -1.88
N GLY A 87 20.01 2.35 -1.22
CA GLY A 87 21.04 2.23 -0.19
C GLY A 87 20.83 3.16 1.00
N GLU A 88 19.58 3.24 1.46
CA GLU A 88 19.23 3.93 2.69
C GLU A 88 18.87 2.93 3.79
N PHE A 89 18.50 1.71 3.37
CA PHE A 89 18.19 0.56 4.22
C PHE A 89 19.21 0.30 5.33
N ASP A 90 20.47 0.60 5.04
CA ASP A 90 21.58 0.20 5.87
C ASP A 90 22.12 1.34 6.73
N LYS A 91 21.69 2.56 6.44
CA LYS A 91 21.93 3.71 7.33
C LYS A 91 20.92 3.68 8.46
N ASN A 92 19.81 2.97 8.25
CA ASN A 92 18.71 2.85 9.21
C ASN A 92 19.14 2.67 10.66
N GLU A 93 18.91 3.72 11.46
CA GLU A 93 19.31 3.76 12.86
C GLU A 93 18.86 2.59 13.73
N THR A 94 17.65 2.09 13.48
CA THR A 94 17.06 1.04 14.29
C THR A 94 17.77 -0.31 14.09
N PHE A 95 18.13 -0.63 12.85
CA PHE A 95 18.94 -1.82 12.54
C PHE A 95 20.30 -1.68 13.20
N GLN A 96 20.95 -0.54 12.93
CA GLN A 96 22.30 -0.22 13.40
C GLN A 96 22.45 -0.27 14.92
N SER A 97 21.50 0.29 15.65
CA SER A 97 21.52 0.23 17.11
C SER A 97 21.39 -1.20 17.62
N ALA A 98 20.63 -2.03 16.89
CA ALA A 98 20.36 -3.41 17.28
C ALA A 98 21.52 -4.33 16.93
N ILE A 99 22.22 -4.00 15.84
CA ILE A 99 23.45 -4.69 15.48
C ILE A 99 24.55 -4.34 16.47
N LYS A 100 24.57 -3.06 16.86
CA LYS A 100 25.54 -2.57 17.84
C LYS A 100 25.54 -3.41 19.11
N SER A 101 24.37 -3.53 19.76
CA SER A 101 24.23 -4.26 21.03
C SER A 101 24.87 -5.64 20.99
N VAL A 102 24.62 -6.37 19.91
CA VAL A 102 25.18 -7.68 19.66
C VAL A 102 26.70 -7.66 19.78
N LYS A 103 27.34 -6.70 19.08
CA LYS A 103 28.80 -6.60 19.03
C LYS A 103 29.39 -6.39 20.43
N GLU A 104 28.87 -5.40 21.16
CA GLU A 104 29.32 -5.11 22.51
C GLU A 104 28.81 -6.06 23.60
N LYS A 105 27.73 -6.79 23.31
CA LYS A 105 27.24 -7.82 24.23
C LYS A 105 27.78 -9.22 23.94
N GLY A 106 28.39 -9.37 22.77
CA GLY A 106 29.01 -10.63 22.36
C GLY A 106 27.99 -11.71 22.06
N THR A 107 26.78 -11.27 21.73
CA THR A 107 25.63 -12.16 21.54
C THR A 107 25.32 -12.47 20.07
N ALA A 108 24.15 -13.07 19.84
CA ALA A 108 23.68 -13.40 18.50
C ALA A 108 22.63 -12.42 17.97
N LEU A 109 22.53 -12.34 16.64
CA LEU A 109 21.44 -11.66 15.96
C LEU A 109 20.53 -12.72 15.34
N HIS A 110 19.22 -12.56 15.53
CA HIS A 110 18.25 -13.47 14.95
C HIS A 110 17.41 -12.79 13.87
N LEU A 111 17.25 -13.54 12.78
CA LEU A 111 16.43 -13.19 11.65
C LEU A 111 15.19 -14.07 11.64
N PHE A 112 14.01 -13.47 11.73
CA PHE A 112 12.78 -14.22 11.51
C PHE A 112 11.64 -13.48 10.81
N GLY A 113 10.83 -14.24 10.07
CA GLY A 113 9.80 -13.73 9.19
C GLY A 113 9.51 -14.76 8.11
N LEU A 114 8.46 -14.52 7.31
CA LEU A 114 8.02 -15.48 6.30
C LEU A 114 9.02 -15.68 5.14
N LEU A 115 9.55 -16.89 5.02
CA LEU A 115 10.63 -17.15 4.06
C LEU A 115 10.13 -17.42 2.64
N SER A 116 9.83 -16.38 1.86
CA SER A 116 9.36 -16.55 0.49
C SER A 116 9.25 -15.25 -0.32
N ASP A 117 9.04 -15.37 -1.62
CA ASP A 117 8.97 -14.21 -2.53
C ASP A 117 7.55 -13.65 -2.74
N GLY A 118 6.64 -14.00 -1.84
CA GLY A 118 5.21 -13.75 -2.00
C GLY A 118 4.78 -12.31 -2.06
N GLY A 119 5.47 -11.46 -1.31
CA GLY A 119 5.23 -10.02 -1.29
C GLY A 119 3.96 -9.53 -0.60
N VAL A 120 3.34 -10.39 0.20
CA VAL A 120 2.10 -10.06 0.89
C VAL A 120 2.34 -9.67 2.35
N HIS A 121 2.98 -10.57 3.10
CA HIS A 121 3.34 -10.36 4.50
C HIS A 121 4.83 -10.06 4.67
N SER A 122 5.62 -10.53 3.69
CA SER A 122 7.08 -10.37 3.70
C SER A 122 7.68 -10.42 2.29
N HIS A 123 8.98 -10.21 2.17
CA HIS A 123 9.72 -10.68 1.01
C HIS A 123 11.09 -11.14 1.50
N MET A 124 11.52 -12.34 1.09
CA MET A 124 12.82 -12.89 1.50
C MET A 124 14.01 -11.97 1.17
N ASN A 125 13.94 -11.32 0.01
CA ASN A 125 14.93 -10.32 -0.39
C ASN A 125 15.20 -9.28 0.69
N HIS A 126 14.19 -8.99 1.49
CA HIS A 126 14.35 -8.12 2.66
C HIS A 126 15.29 -8.77 3.67
N MET A 127 15.17 -10.08 3.89
CA MET A 127 16.03 -10.79 4.84
C MET A 127 17.46 -10.86 4.33
N PHE A 128 17.59 -11.09 3.02
CA PHE A 128 18.87 -11.04 2.30
C PHE A 128 19.66 -9.76 2.57
N ALA A 129 19.00 -8.62 2.37
CA ALA A 129 19.56 -7.30 2.68
C ALA A 129 19.95 -7.21 4.14
N LEU A 130 19.15 -7.81 5.01
CA LEU A 130 19.54 -7.97 6.40
C LEU A 130 20.79 -8.84 6.63
N LEU A 131 20.95 -9.90 5.84
CA LEU A 131 22.16 -10.72 5.88
C LEU A 131 23.41 -9.97 5.42
N ARG A 132 23.24 -9.18 4.36
CA ARG A 132 24.30 -8.38 3.79
C ARG A 132 24.77 -7.34 4.81
N LEU A 133 23.83 -6.78 5.56
CA LEU A 133 24.07 -5.65 6.46
C LEU A 133 24.85 -6.10 7.69
N ALA A 134 24.34 -7.14 8.32
CA ALA A 134 25.05 -7.84 9.39
C ALA A 134 26.44 -8.24 8.93
N ALA A 135 26.55 -8.91 7.79
CA ALA A 135 27.85 -9.36 7.28
C ALA A 135 28.82 -8.19 7.10
N LYS A 136 28.35 -7.09 6.52
CA LYS A 136 29.18 -5.92 6.32
C LYS A 136 29.59 -5.30 7.66
N GLU A 137 28.65 -5.22 8.59
CA GLU A 137 28.89 -4.65 9.91
C GLU A 137 29.75 -5.54 10.82
N GLY A 138 30.02 -6.76 10.39
CA GLY A 138 30.92 -7.67 11.10
C GLY A 138 30.34 -8.45 12.27
N VAL A 139 29.08 -8.86 12.17
CA VAL A 139 28.49 -9.64 13.25
C VAL A 139 28.87 -11.12 13.15
N GLU A 140 29.36 -11.65 14.27
CA GLU A 140 29.89 -13.00 14.32
C GLU A 140 28.82 -14.06 14.11
N LYS A 141 27.64 -13.89 14.72
CA LYS A 141 26.59 -14.91 14.68
C LYS A 141 25.24 -14.38 14.19
N VAL A 142 24.69 -15.01 13.15
CA VAL A 142 23.38 -14.67 12.58
C VAL A 142 22.51 -15.91 12.34
N TYR A 143 21.39 -15.98 13.05
CA TYR A 143 20.49 -17.14 12.91
C TYR A 143 19.15 -16.83 12.25
N ILE A 144 18.72 -17.76 11.41
CA ILE A 144 17.51 -17.66 10.63
C ILE A 144 16.44 -18.61 11.15
N HIS A 145 15.29 -18.02 11.46
CA HIS A 145 14.09 -18.78 11.76
C HIS A 145 13.13 -18.69 10.58
N ALA A 146 13.19 -19.69 9.72
CA ALA A 146 12.22 -19.89 8.64
C ALA A 146 10.77 -20.08 9.09
N PHE A 147 9.94 -19.09 8.75
CA PHE A 147 8.49 -19.20 8.82
C PHE A 147 8.09 -19.60 7.41
N LEU A 148 7.60 -20.81 7.22
CA LEU A 148 7.34 -21.29 5.86
C LEU A 148 5.97 -20.89 5.34
N ASP A 149 5.90 -20.59 4.04
CA ASP A 149 4.75 -19.95 3.43
C ASP A 149 3.80 -21.02 2.90
N GLY A 150 3.87 -21.32 1.61
CA GLY A 150 2.98 -22.29 1.02
C GLY A 150 1.60 -21.71 0.71
N ARG A 151 1.37 -20.47 1.14
CA ARG A 151 0.09 -19.76 0.92
C ARG A 151 0.14 -18.59 -0.08
N ASP A 152 1.12 -17.70 0.04
CA ASP A 152 1.30 -16.58 -0.89
C ASP A 152 2.07 -17.03 -2.13
N VAL A 153 2.64 -18.23 -2.06
CA VAL A 153 3.31 -18.91 -3.17
C VAL A 153 2.75 -20.34 -3.30
N GLY A 154 3.25 -21.09 -4.29
CA GLY A 154 2.98 -22.53 -4.39
C GLY A 154 3.17 -23.26 -3.07
N PRO A 155 2.37 -24.30 -2.81
CA PRO A 155 2.32 -25.02 -1.53
C PRO A 155 3.53 -25.89 -1.19
N LYS A 156 4.36 -26.19 -2.18
CA LYS A 156 5.53 -27.02 -2.01
C LYS A 156 6.77 -26.37 -2.65
N THR A 157 7.24 -25.28 -2.06
CA THR A 157 8.27 -24.46 -2.70
C THR A 157 9.30 -23.92 -1.72
N ALA A 158 9.27 -24.40 -0.48
CA ALA A 158 10.11 -23.85 0.58
C ALA A 158 11.58 -24.15 0.31
N GLN A 159 11.81 -25.22 -0.44
CA GLN A 159 13.16 -25.71 -0.73
C GLN A 159 13.86 -24.79 -1.73
N SER A 160 13.12 -24.40 -2.75
CA SER A 160 13.56 -23.39 -3.70
C SER A 160 13.95 -22.12 -2.95
N TYR A 161 13.27 -21.84 -1.83
CA TYR A 161 13.59 -20.69 -0.99
C TYR A 161 14.73 -20.92 -0.01
N ILE A 162 14.79 -22.11 0.59
CA ILE A 162 15.94 -22.50 1.40
C ILE A 162 17.22 -22.46 0.56
N ASP A 163 17.15 -22.95 -0.67
CA ASP A 163 18.27 -22.93 -1.61
C ASP A 163 18.72 -21.50 -1.88
N ALA A 164 17.78 -20.63 -2.26
CA ALA A 164 18.06 -19.21 -2.47
C ALA A 164 18.69 -18.56 -1.25
N THR A 165 18.28 -19.02 -0.06
CA THR A 165 18.82 -18.49 1.19
C THR A 165 20.27 -18.95 1.35
N ASN A 166 20.55 -20.23 1.10
CA ASN A 166 21.91 -20.76 1.23
C ASN A 166 22.89 -20.04 0.31
N GLU A 167 22.46 -19.79 -0.93
CA GLU A 167 23.23 -18.96 -1.86
C GLU A 167 23.65 -17.63 -1.24
N VAL A 168 22.70 -16.95 -0.60
CA VAL A 168 22.96 -15.66 0.02
C VAL A 168 23.90 -15.81 1.23
N ILE A 169 23.85 -16.96 1.91
CA ILE A 169 24.77 -17.30 3.01
C ILE A 169 26.20 -17.55 2.51
N LYS A 170 26.32 -18.26 1.39
CA LYS A 170 27.62 -18.46 0.72
C LYS A 170 28.27 -17.13 0.35
N GLU A 171 27.51 -16.24 -0.29
CA GLU A 171 28.09 -15.01 -0.82
C GLU A 171 28.40 -14.00 0.28
N THR A 172 27.65 -14.12 1.38
CA THR A 172 27.63 -13.15 2.47
C THR A 172 28.53 -13.55 3.65
N GLY A 173 28.73 -14.85 3.86
CA GLY A 173 29.59 -15.33 4.94
C GLY A 173 28.96 -15.52 6.31
N VAL A 174 27.83 -14.87 6.54
CA VAL A 174 27.05 -15.07 7.76
C VAL A 174 25.70 -15.70 7.41
N GLY A 175 25.07 -16.35 8.39
CA GLY A 175 23.72 -16.90 8.22
C GLY A 175 23.62 -18.39 8.44
N GLN A 176 22.64 -18.80 9.25
CA GLN A 176 22.51 -20.20 9.65
C GLN A 176 21.09 -20.53 10.11
N PHE A 177 20.44 -21.45 9.39
CA PHE A 177 19.11 -21.93 9.73
C PHE A 177 19.10 -22.60 11.09
N ALA A 178 18.26 -22.08 11.99
CA ALA A 178 18.21 -22.56 13.38
C ALA A 178 16.84 -23.11 13.74
N THR A 179 15.81 -22.60 13.07
CA THR A 179 14.46 -23.07 13.32
C THR A 179 13.64 -22.95 12.05
N ILE A 180 12.85 -23.98 11.78
CA ILE A 180 11.83 -23.84 10.76
C ILE A 180 10.45 -24.13 11.36
N SER A 181 9.52 -23.23 11.12
CA SER A 181 8.13 -23.37 11.52
C SER A 181 7.25 -22.95 10.37
N GLY A 182 6.24 -23.75 10.04
CA GLY A 182 5.20 -23.35 9.11
C GLY A 182 4.43 -22.13 9.62
N ARG A 183 3.99 -21.30 8.66
CA ARG A 183 3.24 -20.09 8.97
C ARG A 183 1.98 -20.39 9.78
N TYR A 184 1.30 -21.51 9.53
CA TYR A 184 0.17 -21.81 10.40
C TYR A 184 0.48 -21.91 11.89
N TYR A 185 1.73 -22.24 12.22
CA TYR A 185 2.22 -22.20 13.59
C TYR A 185 2.67 -20.81 14.06
N SER A 186 3.33 -20.07 13.17
CA SER A 186 3.93 -18.79 13.52
C SER A 186 3.12 -17.59 13.03
N MET A 187 2.15 -17.84 12.16
CA MET A 187 1.43 -16.71 11.59
C MET A 187 -0.08 -16.75 11.76
N ASP A 188 -0.49 -17.43 12.83
CA ASP A 188 -1.86 -17.38 13.34
C ASP A 188 -2.25 -15.94 13.61
N ARG A 189 -3.52 -15.61 13.32
CA ARG A 189 -4.11 -14.32 13.66
C ARG A 189 -5.46 -14.42 14.37
N ASP A 190 -5.77 -15.59 14.91
CA ASP A 190 -7.08 -15.79 15.55
C ASP A 190 -7.01 -16.09 17.05
N LYS A 191 -5.91 -15.71 17.69
CA LYS A 191 -5.70 -15.95 19.12
C LYS A 191 -5.64 -17.44 19.49
N ARG A 192 -5.03 -18.23 18.62
CA ARG A 192 -4.83 -19.66 18.89
C ARG A 192 -3.42 -19.89 19.48
N TRP A 193 -3.34 -19.69 20.80
CA TRP A 193 -2.05 -19.55 21.49
C TRP A 193 -1.29 -20.85 21.68
N ASP A 194 -1.98 -21.97 21.46
CA ASP A 194 -1.36 -23.28 21.59
C ASP A 194 -0.45 -23.59 20.40
N ARG A 195 -0.76 -22.97 19.26
CA ARG A 195 0.03 -23.09 18.03
C ARG A 195 1.23 -22.15 18.06
N VAL A 196 1.02 -21.00 18.69
CA VAL A 196 2.01 -19.93 18.81
C VAL A 196 3.02 -20.30 19.88
N GLU A 197 2.53 -20.90 20.97
CA GLU A 197 3.36 -21.47 22.02
C GLU A 197 4.37 -22.43 21.38
N LYS A 198 3.86 -23.36 20.57
CA LYS A 198 4.67 -24.39 19.94
C LYS A 198 5.85 -23.82 19.16
N CYS A 199 5.58 -22.80 18.35
CA CYS A 199 6.61 -22.16 17.55
C CYS A 199 7.64 -21.47 18.44
N TYR A 200 7.15 -20.79 19.48
CA TYR A 200 7.98 -20.14 20.49
C TYR A 200 8.93 -21.10 21.19
N ARG A 201 8.39 -22.22 21.67
CA ARG A 201 9.14 -23.19 22.46
C ARG A 201 10.31 -23.77 21.68
N ALA A 202 10.21 -23.73 20.35
CA ALA A 202 11.31 -24.11 19.47
C ALA A 202 12.41 -23.05 19.49
N MET A 203 12.02 -21.78 19.40
CA MET A 203 12.97 -20.68 19.32
C MET A 203 13.75 -20.38 20.60
N VAL A 204 13.11 -20.44 21.76
CA VAL A 204 13.78 -20.04 23.00
C VAL A 204 14.19 -21.18 23.93
N ASN A 205 13.49 -22.31 23.85
CA ASN A 205 13.77 -23.45 24.73
C ASN A 205 14.41 -24.63 24.00
N GLY A 206 14.28 -24.62 22.67
CA GLY A 206 14.89 -25.62 21.79
C GLY A 206 14.11 -26.92 21.75
N GLU A 207 12.78 -26.82 21.76
CA GLU A 207 11.95 -28.00 21.94
C GLU A 207 11.06 -28.33 20.73
N GLY A 208 11.12 -29.57 20.29
CA GLY A 208 10.41 -30.01 19.09
C GLY A 208 11.19 -31.09 18.36
N PRO A 209 10.74 -31.45 17.13
CA PRO A 209 11.47 -32.39 16.29
C PRO A 209 12.80 -31.81 15.82
N THR A 210 13.80 -32.68 15.72
CA THR A 210 15.17 -32.26 15.43
C THR A 210 15.66 -32.75 14.07
N TYR A 211 16.45 -31.92 13.40
CA TYR A 211 16.97 -32.22 12.07
C TYR A 211 18.39 -31.67 11.91
N LYS A 212 19.17 -32.30 11.04
CA LYS A 212 20.54 -31.87 10.77
C LYS A 212 20.65 -30.63 9.90
N SER A 213 19.59 -30.37 9.13
CA SER A 213 19.46 -29.17 8.31
C SER A 213 18.00 -28.77 8.15
N ALA A 214 17.74 -27.73 7.35
CA ALA A 214 16.39 -27.27 7.04
C ALA A 214 15.79 -28.09 5.89
N GLU A 215 16.64 -28.46 4.94
CA GLU A 215 16.29 -29.30 3.80
C GLU A 215 15.91 -30.70 4.27
N GLU A 216 16.60 -31.19 5.31
CA GLU A 216 16.27 -32.49 5.89
C GLU A 216 14.90 -32.43 6.56
N CYS A 217 14.70 -31.39 7.35
CA CYS A 217 13.40 -31.11 7.95
C CYS A 217 12.27 -31.12 6.92
N VAL A 218 12.41 -30.31 5.89
CA VAL A 218 11.38 -30.16 4.87
C VAL A 218 11.21 -31.44 4.05
N GLU A 219 12.32 -32.14 3.80
CA GLU A 219 12.29 -33.47 3.18
C GLU A 219 11.45 -34.46 4.01
N ASP A 220 11.73 -34.54 5.31
CA ASP A 220 11.04 -35.45 6.21
C ASP A 220 9.61 -35.03 6.46
N SER A 221 9.42 -33.71 6.59
CA SER A 221 8.10 -33.13 6.77
C SER A 221 7.20 -33.44 5.59
N TYR A 222 7.72 -33.30 4.38
CA TYR A 222 7.04 -33.68 3.14
C TYR A 222 6.66 -35.16 3.09
N ALA A 223 7.53 -36.01 3.63
CA ALA A 223 7.37 -37.46 3.58
C ALA A 223 6.15 -37.95 4.35
N ASN A 224 5.72 -37.16 5.35
CA ASN A 224 4.55 -37.51 6.14
C ASN A 224 3.29 -36.70 5.77
N GLY A 225 3.29 -36.16 4.55
CA GLY A 225 2.15 -35.40 4.03
C GLY A 225 2.02 -33.97 4.52
N ILE A 226 2.96 -33.55 5.38
CA ILE A 226 2.94 -32.20 5.95
C ILE A 226 3.79 -31.23 5.14
N TYR A 227 3.16 -30.18 4.63
CA TYR A 227 3.81 -29.26 3.71
C TYR A 227 3.87 -27.83 4.19
N ASP A 228 4.87 -27.10 3.70
CA ASP A 228 5.19 -25.72 4.02
C ASP A 228 4.35 -25.03 5.08
N GLU A 229 3.06 -24.87 4.79
CA GLU A 229 2.18 -24.04 5.61
C GLU A 229 1.87 -24.68 6.97
N PHE A 230 2.06 -25.99 7.05
CA PHE A 230 1.62 -26.78 8.20
C PHE A 230 2.78 -27.43 8.94
N VAL A 231 4.00 -27.19 8.47
CA VAL A 231 5.17 -27.87 9.01
C VAL A 231 5.48 -27.51 10.47
N LEU A 232 5.54 -28.55 11.31
CA LEU A 232 5.76 -28.39 12.74
C LEU A 232 7.01 -27.59 13.03
N PRO A 233 6.96 -26.72 14.06
CA PRO A 233 8.13 -25.99 14.56
C PRO A 233 9.27 -26.97 14.81
N SER A 234 10.36 -26.84 14.05
CA SER A 234 11.39 -27.86 14.12
C SER A 234 12.72 -27.20 14.39
N VAL A 235 13.61 -27.97 15.01
CA VAL A 235 14.91 -27.45 15.44
C VAL A 235 16.02 -27.99 14.52
N ILE A 236 16.91 -27.11 14.10
CA ILE A 236 18.12 -27.50 13.39
C ILE A 236 19.21 -27.68 14.45
N VAL A 237 19.90 -28.81 14.39
CA VAL A 237 20.94 -29.16 15.36
C VAL A 237 22.27 -29.44 14.68
N ASN A 238 23.37 -29.15 15.38
CA ASN A 238 24.72 -29.39 14.88
C ASN A 238 25.03 -30.89 14.74
N GLU A 239 26.26 -31.22 14.39
CA GLU A 239 26.67 -32.62 14.17
C GLU A 239 26.21 -33.47 15.35
N ASP A 240 26.45 -32.95 16.55
CA ASP A 240 25.82 -33.44 17.77
C ASP A 240 24.37 -32.96 17.81
N ASN A 241 23.59 -33.51 18.74
CA ASN A 241 22.17 -33.17 18.83
C ASN A 241 21.83 -31.85 19.56
N THR A 242 22.82 -30.96 19.68
CA THR A 242 22.66 -29.69 20.37
C THR A 242 22.03 -28.63 19.44
N PRO A 243 21.10 -27.82 19.97
CA PRO A 243 20.42 -26.81 19.16
C PRO A 243 21.38 -25.79 18.57
N VAL A 244 21.25 -25.55 17.27
CA VAL A 244 22.08 -24.58 16.53
C VAL A 244 22.06 -23.22 17.23
N ALA A 245 20.86 -22.74 17.55
CA ALA A 245 20.70 -21.53 18.34
C ALA A 245 19.34 -21.46 18.98
N THR A 246 19.33 -21.02 20.23
CA THR A 246 18.11 -20.62 20.92
C THR A 246 18.24 -19.13 21.18
N ILE A 247 17.11 -18.44 21.29
CA ILE A 247 17.13 -17.00 21.58
C ILE A 247 17.33 -16.76 23.07
N ASN A 248 18.41 -16.06 23.39
CA ASN A 248 18.86 -15.90 24.77
C ASN A 248 18.93 -14.42 25.16
N ASP A 249 19.15 -14.15 26.44
CA ASP A 249 19.35 -12.81 26.97
C ASP A 249 20.24 -11.97 26.07
N ASP A 250 19.78 -10.76 25.77
CA ASP A 250 20.57 -9.79 25.01
C ASP A 250 20.89 -10.18 23.56
N ASP A 251 20.21 -11.19 23.03
CA ASP A 251 20.25 -11.46 21.60
C ASP A 251 19.36 -10.40 20.95
N ALA A 252 19.75 -9.86 19.80
CA ALA A 252 18.86 -9.02 19.01
C ALA A 252 18.06 -9.87 18.03
N VAL A 253 16.82 -9.45 17.81
CA VAL A 253 15.92 -10.09 16.86
C VAL A 253 15.37 -9.05 15.89
N ILE A 254 15.27 -9.43 14.62
CA ILE A 254 14.64 -8.57 13.62
C ILE A 254 13.60 -9.40 12.87
N PHE A 255 12.34 -9.06 13.09
CA PHE A 255 11.19 -9.67 12.46
C PHE A 255 10.95 -8.86 11.19
N TYR A 256 11.38 -9.40 10.05
CA TYR A 256 11.29 -8.65 8.80
C TYR A 256 9.91 -8.55 8.15
N ASN A 257 8.95 -9.33 8.64
CA ASN A 257 7.58 -9.19 8.15
C ASN A 257 7.15 -7.71 8.11
N PHE A 258 6.32 -7.33 7.15
CA PHE A 258 5.89 -5.93 7.09
C PHE A 258 4.38 -5.76 7.24
N ARG A 259 3.67 -6.88 7.33
CA ARG A 259 2.23 -6.85 7.44
C ARG A 259 1.80 -7.11 8.89
N PRO A 260 1.14 -6.11 9.50
CA PRO A 260 0.74 -6.09 10.90
C PRO A 260 0.07 -7.37 11.39
N ASP A 261 -0.95 -7.84 10.67
CA ASP A 261 -1.93 -8.80 11.18
C ASP A 261 -1.42 -10.16 11.66
N ARG A 262 -0.95 -11.02 10.75
CA ARG A 262 -0.46 -12.32 11.22
C ARG A 262 0.97 -12.26 11.80
N ALA A 263 1.39 -11.06 12.15
CA ALA A 263 2.69 -10.79 12.76
C ALA A 263 2.57 -10.44 14.25
N ILE A 264 1.56 -9.66 14.60
CA ILE A 264 1.22 -9.30 15.98
C ILE A 264 1.51 -10.36 17.06
N GLN A 265 1.02 -11.58 16.90
CA GLN A 265 1.00 -12.55 18.00
C GLN A 265 2.38 -13.04 18.45
N ILE A 266 3.25 -13.38 17.50
CA ILE A 266 4.61 -13.79 17.83
C ILE A 266 5.48 -12.61 18.28
N ALA A 267 5.16 -11.41 17.81
CA ALA A 267 5.88 -10.22 18.28
C ALA A 267 5.57 -9.94 19.75
N ARG A 268 4.28 -9.95 20.10
CA ARG A 268 3.82 -9.77 21.49
C ARG A 268 4.53 -10.68 22.50
N VAL A 269 4.73 -11.95 22.14
CA VAL A 269 5.33 -12.93 23.04
C VAL A 269 6.79 -12.65 23.32
N PHE A 270 7.45 -11.93 22.42
CA PHE A 270 8.84 -11.58 22.65
C PHE A 270 9.00 -10.22 23.31
N THR A 271 8.10 -9.30 22.98
CA THR A 271 8.29 -7.89 23.31
C THR A 271 7.61 -7.46 24.61
N ASN A 272 6.41 -7.97 24.88
CA ASN A 272 5.55 -7.36 25.91
C ASN A 272 6.14 -7.18 27.32
N GLY A 273 6.70 -8.24 27.88
CA GLY A 273 7.25 -8.18 29.23
C GLY A 273 6.29 -8.77 30.25
N ASP A 274 5.09 -8.21 30.29
CA ASP A 274 4.01 -8.71 31.14
C ASP A 274 2.88 -9.22 30.25
N PHE A 275 3.03 -10.47 29.79
CA PHE A 275 2.30 -11.03 28.64
C PHE A 275 1.12 -11.92 29.04
N ARG A 276 1.38 -12.94 29.86
CA ARG A 276 0.37 -13.79 30.49
C ARG A 276 -0.66 -14.52 29.62
N GLU A 277 -0.50 -14.47 28.29
CA GLU A 277 -1.52 -15.08 27.43
C GLU A 277 -1.40 -16.59 27.41
N PHE A 278 -0.17 -17.08 27.35
CA PHE A 278 0.18 -18.43 27.79
C PHE A 278 1.43 -18.34 28.65
N ASP A 279 1.77 -19.43 29.34
CA ASP A 279 2.99 -19.50 30.16
C ASP A 279 4.22 -19.80 29.34
N ARG A 280 5.20 -18.90 29.39
CA ARG A 280 6.44 -19.01 28.60
C ARG A 280 7.57 -19.66 29.38
N GLY A 281 7.25 -20.10 30.59
CA GLY A 281 8.15 -20.94 31.38
C GLY A 281 9.04 -20.16 32.34
N GLU A 282 10.33 -20.27 32.11
CA GLU A 282 11.31 -19.64 32.98
C GLU A 282 12.47 -19.03 32.20
N LYS A 283 12.68 -19.50 30.98
CA LYS A 283 13.75 -19.00 30.13
C LYS A 283 13.29 -17.87 29.18
N VAL A 284 12.51 -16.93 29.70
CA VAL A 284 12.05 -15.77 28.93
C VAL A 284 13.19 -14.80 28.60
N PRO A 285 13.64 -14.77 27.34
CA PRO A 285 14.71 -13.83 27.00
C PRO A 285 14.17 -12.40 26.93
N HIS A 286 14.85 -11.48 27.60
CA HIS A 286 14.36 -10.11 27.78
C HIS A 286 15.50 -9.15 28.07
N ILE A 287 15.23 -7.86 27.82
CA ILE A 287 16.22 -6.77 27.69
C ILE A 287 16.58 -6.53 26.19
N PRO A 288 15.64 -6.85 25.28
CA PRO A 288 16.02 -7.05 23.89
C PRO A 288 15.94 -5.85 22.94
N GLU A 289 16.72 -5.95 21.87
CA GLU A 289 16.56 -5.10 20.71
C GLU A 289 15.72 -5.94 19.76
N PHE A 290 14.40 -5.93 19.97
CA PHE A 290 13.47 -6.52 19.05
C PHE A 290 13.06 -5.49 18.02
N VAL A 291 13.31 -5.79 16.75
CA VAL A 291 12.93 -4.90 15.65
C VAL A 291 11.81 -5.52 14.81
N CYS A 292 10.81 -4.69 14.51
CA CYS A 292 9.84 -4.98 13.45
C CYS A 292 10.10 -4.07 12.25
N MET A 293 9.94 -4.63 11.05
CA MET A 293 10.13 -3.85 9.84
C MET A 293 9.27 -2.59 9.91
N THR A 294 7.99 -2.82 10.20
CA THR A 294 6.95 -1.80 10.30
C THR A 294 6.22 -1.93 11.63
N HIS A 295 5.32 -0.99 11.90
CA HIS A 295 4.53 -0.98 13.13
C HIS A 295 3.34 -1.93 13.01
N PHE A 296 3.24 -2.89 13.93
CA PHE A 296 2.24 -3.95 13.82
C PHE A 296 0.97 -3.59 14.60
N SER A 297 1.14 -3.14 15.83
CA SER A 297 0.06 -2.58 16.63
C SER A 297 0.58 -1.91 17.91
N GLU A 298 -0.23 -1.01 18.45
CA GLU A 298 -0.08 -0.49 19.81
C GLU A 298 0.25 -1.56 20.86
N THR A 299 -0.13 -2.81 20.57
CA THR A 299 0.04 -3.92 21.51
C THR A 299 1.47 -4.50 21.58
N VAL A 300 2.37 -3.96 20.76
CA VAL A 300 3.78 -4.42 20.67
C VAL A 300 4.77 -3.48 21.36
N ASP A 301 5.85 -4.03 21.91
CA ASP A 301 6.75 -3.26 22.80
C ASP A 301 8.08 -2.83 22.18
N GLY A 302 8.59 -3.59 21.21
CA GLY A 302 9.92 -3.30 20.66
C GLY A 302 10.04 -2.06 19.78
N TYR A 303 10.96 -2.12 18.82
CA TYR A 303 11.30 -1.00 17.95
C TYR A 303 10.84 -1.18 16.50
N VAL A 304 10.67 -0.05 15.82
CA VAL A 304 10.23 -0.08 14.42
C VAL A 304 11.28 0.53 13.50
N ALA A 305 11.63 -0.22 12.45
CA ALA A 305 12.61 0.19 11.46
C ALA A 305 12.00 1.19 10.46
N PHE A 306 10.81 0.88 9.95
CA PHE A 306 10.09 1.80 9.06
C PHE A 306 8.76 2.24 9.65
N LYS A 307 8.84 3.28 10.49
CA LYS A 307 7.70 3.86 11.19
C LYS A 307 6.62 4.38 10.23
N PRO A 308 5.33 4.32 10.63
CA PRO A 308 4.24 4.60 9.70
C PRO A 308 4.28 6.05 9.21
N MET A 309 3.77 6.29 8.00
CA MET A 309 3.57 7.67 7.53
C MET A 309 2.45 8.27 8.36
N ASN A 310 2.80 9.26 9.19
CA ASN A 310 1.82 9.91 10.05
C ASN A 310 0.78 10.71 9.29
N LEU A 311 1.08 10.99 8.02
CA LEU A 311 0.16 11.60 7.08
C LEU A 311 -0.63 12.77 7.67
N ASP A 312 0.08 13.73 8.25
CA ASP A 312 -0.59 14.83 8.94
C ASP A 312 -1.33 15.80 8.02
N ASN A 313 -0.63 16.66 7.27
CA ASN A 313 -1.35 17.76 6.60
C ASN A 313 -1.84 17.53 5.17
N THR A 314 -2.93 16.80 5.05
CA THR A 314 -3.45 16.46 3.73
C THR A 314 -4.27 17.65 3.22
N LEU A 315 -4.86 17.53 2.03
CA LEU A 315 -5.58 18.66 1.46
C LEU A 315 -6.73 19.03 2.38
N GLY A 316 -7.53 18.04 2.74
CA GLY A 316 -8.64 18.24 3.68
C GLY A 316 -8.26 19.09 4.86
N GLU A 317 -7.28 18.63 5.64
CA GLU A 317 -6.76 19.33 6.83
C GLU A 317 -6.30 20.77 6.59
N VAL A 318 -5.49 20.99 5.57
CA VAL A 318 -4.95 22.31 5.30
C VAL A 318 -6.01 23.35 4.93
N VAL A 319 -6.93 23.03 4.00
CA VAL A 319 -8.10 23.88 3.74
C VAL A 319 -9.01 24.13 4.96
N ALA A 320 -9.19 23.11 5.80
CA ALA A 320 -9.90 23.25 7.07
C ALA A 320 -9.25 24.29 7.97
N GLN A 321 -7.91 24.33 7.96
CA GLN A 321 -7.14 25.25 8.78
C GLN A 321 -7.28 26.69 8.32
N ALA A 322 -7.15 26.90 7.00
CA ALA A 322 -7.38 28.21 6.39
C ALA A 322 -8.78 28.75 6.67
N GLY A 323 -9.61 27.96 7.34
CA GLY A 323 -10.98 28.35 7.67
C GLY A 323 -11.91 28.15 6.49
N LEU A 324 -11.45 27.38 5.51
CA LEU A 324 -12.22 27.15 4.29
C LEU A 324 -13.27 26.03 4.39
N LYS A 325 -14.41 26.22 3.74
CA LYS A 325 -15.47 25.21 3.77
C LYS A 325 -15.33 24.24 2.59
N GLN A 326 -15.51 22.96 2.88
CA GLN A 326 -15.19 21.93 1.89
C GLN A 326 -16.27 20.87 1.67
N LEU A 327 -16.33 20.30 0.46
CA LEU A 327 -17.35 19.29 0.12
C LEU A 327 -16.85 18.02 -0.57
N ARG A 328 -17.06 16.90 0.10
CA ARG A 328 -16.84 15.57 -0.46
C ARG A 328 -18.19 15.05 -0.91
N ILE A 329 -18.23 14.43 -2.08
CA ILE A 329 -19.45 13.88 -2.66
C ILE A 329 -19.12 12.83 -3.72
N ALA A 330 -19.87 11.73 -3.72
CA ALA A 330 -19.83 10.71 -4.76
C ALA A 330 -20.98 9.78 -4.49
N GLU A 331 -21.24 8.86 -5.41
CA GLU A 331 -22.15 7.76 -5.11
C GLU A 331 -21.42 6.63 -4.38
N THR A 332 -22.18 5.68 -3.84
CA THR A 332 -21.68 4.71 -2.87
C THR A 332 -20.35 4.06 -3.26
N GLU A 333 -20.15 3.83 -4.56
CA GLU A 333 -19.01 3.04 -5.00
C GLU A 333 -17.67 3.75 -4.81
N LYS A 334 -17.70 5.06 -4.61
CA LYS A 334 -16.47 5.85 -4.48
C LYS A 334 -16.56 6.83 -3.33
N TYR A 335 -17.59 6.66 -2.52
CA TYR A 335 -17.78 7.48 -1.33
C TYR A 335 -16.68 7.38 -0.27
N PRO A 336 -16.21 6.15 0.07
CA PRO A 336 -15.05 6.00 0.96
C PRO A 336 -13.77 6.61 0.37
N HIS A 337 -13.77 6.78 -0.96
CA HIS A 337 -12.63 7.36 -1.66
C HIS A 337 -12.52 8.88 -1.56
N VAL A 338 -13.62 9.60 -1.73
CA VAL A 338 -13.59 11.05 -1.53
C VAL A 338 -13.64 11.46 -0.04
N THR A 339 -13.79 10.49 0.85
CA THR A 339 -13.90 10.75 2.28
C THR A 339 -12.69 10.17 3.01
N PHE A 340 -12.80 8.93 3.50
CA PHE A 340 -11.74 8.22 4.21
C PHE A 340 -10.38 8.32 3.54
N PHE A 341 -10.25 7.71 2.37
CA PHE A 341 -8.96 7.64 1.70
C PHE A 341 -8.41 9.01 1.27
N PHE A 342 -9.26 9.91 0.79
CA PHE A 342 -8.82 11.26 0.41
C PHE A 342 -8.30 12.00 1.63
N SER A 343 -8.92 11.74 2.78
CA SER A 343 -8.49 12.33 4.03
C SER A 343 -7.25 11.72 4.69
N GLY A 344 -6.61 10.76 4.03
CA GLY A 344 -5.40 10.14 4.58
C GLY A 344 -5.69 9.00 5.55
N GLY A 345 -6.62 8.13 5.16
CA GLY A 345 -7.11 7.03 5.98
C GLY A 345 -7.70 7.49 7.30
N ARG A 346 -8.61 8.46 7.22
CA ARG A 346 -9.18 9.12 8.40
C ARG A 346 -10.70 9.17 8.28
N GLU A 347 -11.35 8.45 9.20
CA GLU A 347 -12.79 8.34 9.33
C GLU A 347 -13.49 9.71 9.52
N ALA A 348 -13.04 10.46 10.53
CA ALA A 348 -13.73 11.66 10.99
C ALA A 348 -13.73 12.81 9.98
N GLU A 349 -14.74 13.66 10.08
CA GLU A 349 -14.83 14.89 9.30
C GLU A 349 -13.96 16.01 9.91
N PHE A 350 -13.31 16.78 9.04
CA PHE A 350 -12.53 17.92 9.47
C PHE A 350 -13.48 19.07 9.74
N PRO A 351 -13.02 20.13 10.45
CA PRO A 351 -13.89 21.31 10.52
C PRO A 351 -14.24 21.86 9.14
N GLY A 352 -15.46 22.35 8.99
CA GLY A 352 -15.91 22.89 7.71
C GLY A 352 -16.13 21.88 6.60
N GLU A 353 -15.93 20.61 6.89
CA GLU A 353 -16.18 19.54 5.92
C GLU A 353 -17.65 19.15 5.89
N GLU A 354 -18.25 19.12 4.71
CA GLU A 354 -19.56 18.50 4.54
C GLU A 354 -19.42 17.34 3.57
N ARG A 355 -20.12 16.23 3.85
CA ARG A 355 -20.04 15.05 3.00
C ARG A 355 -21.43 14.66 2.51
N ILE A 356 -21.63 14.55 1.19
CA ILE A 356 -22.91 14.08 0.69
C ILE A 356 -22.77 12.76 -0.09
N LEU A 357 -23.74 11.86 0.14
CA LEU A 357 -23.69 10.51 -0.42
C LEU A 357 -24.91 10.24 -1.30
N ILE A 358 -24.63 9.89 -2.55
CA ILE A 358 -25.68 9.52 -3.49
C ILE A 358 -25.66 8.01 -3.57
N ASN A 359 -26.76 7.37 -3.20
CA ASN A 359 -26.87 5.91 -3.32
C ASN A 359 -26.59 5.41 -4.73
N SER A 360 -25.82 4.33 -4.82
CA SER A 360 -25.51 3.70 -6.11
C SER A 360 -26.69 2.82 -6.52
N PRO A 361 -26.97 2.74 -7.83
CA PRO A 361 -28.16 1.98 -8.25
C PRO A 361 -28.22 0.56 -7.69
N LYS A 362 -29.42 0.14 -7.30
CA LYS A 362 -29.69 -1.23 -6.90
C LYS A 362 -29.47 -2.17 -8.08
N VAL A 363 -28.22 -2.61 -8.24
CA VAL A 363 -27.70 -3.18 -9.49
C VAL A 363 -26.48 -4.09 -9.23
N ALA A 364 -26.30 -5.11 -10.06
CA ALA A 364 -25.13 -6.00 -9.95
C ALA A 364 -23.82 -5.37 -10.42
N THR A 365 -23.32 -5.85 -11.57
CA THR A 365 -21.99 -5.48 -12.06
C THR A 365 -21.93 -4.19 -12.88
N TYR A 366 -22.98 -3.37 -12.80
CA TYR A 366 -22.95 -1.98 -13.27
C TYR A 366 -22.82 -1.70 -14.77
N ASP A 367 -22.58 -2.73 -15.59
CA ASP A 367 -22.63 -2.56 -17.05
C ASP A 367 -24.05 -2.52 -17.61
N LEU A 368 -25.01 -3.05 -16.86
CA LEU A 368 -26.42 -3.01 -17.25
C LEU A 368 -27.01 -1.60 -17.03
N LYS A 369 -26.36 -0.82 -16.18
CA LYS A 369 -26.73 0.57 -15.94
C LYS A 369 -25.49 1.45 -16.10
N PRO A 370 -24.99 1.60 -17.34
CA PRO A 370 -23.73 2.30 -17.57
C PRO A 370 -23.77 3.71 -17.00
N GLU A 371 -24.97 4.20 -16.71
CA GLU A 371 -25.17 5.52 -16.11
C GLU A 371 -25.05 5.55 -14.58
N MET A 372 -25.20 4.41 -13.91
CA MET A 372 -25.11 4.37 -12.44
C MET A 372 -25.92 5.51 -11.79
N SER A 373 -25.29 6.30 -10.91
CA SER A 373 -25.96 7.43 -10.27
C SER A 373 -25.52 8.85 -10.67
N ILE A 374 -24.79 9.04 -11.78
CA ILE A 374 -24.15 10.33 -12.09
C ILE A 374 -25.09 11.52 -12.06
N TYR A 375 -26.23 11.37 -12.71
CA TYR A 375 -27.21 12.45 -12.88
C TYR A 375 -27.78 12.96 -11.56
N GLU A 376 -27.92 12.06 -10.58
CA GLU A 376 -28.38 12.44 -9.25
C GLU A 376 -27.24 13.17 -8.53
N VAL A 377 -26.04 12.61 -8.66
CA VAL A 377 -24.86 13.23 -8.09
C VAL A 377 -24.66 14.59 -8.74
N THR A 378 -24.80 14.64 -10.06
CA THR A 378 -24.63 15.89 -10.81
C THR A 378 -25.62 16.94 -10.33
N ASP A 379 -26.90 16.61 -10.32
CA ASP A 379 -27.96 17.48 -9.81
C ASP A 379 -27.68 18.09 -8.44
N ALA A 380 -27.32 17.25 -7.47
CA ALA A 380 -27.11 17.66 -6.09
C ALA A 380 -25.91 18.58 -5.97
N LEU A 381 -24.92 18.36 -6.83
CA LEU A 381 -23.70 19.17 -6.86
C LEU A 381 -23.95 20.56 -7.46
N VAL A 382 -24.78 20.65 -8.48
CA VAL A 382 -25.07 21.95 -9.08
C VAL A 382 -25.93 22.74 -8.11
N ASN A 383 -26.76 22.02 -7.35
CA ASN A 383 -27.51 22.59 -6.24
C ASN A 383 -26.61 23.31 -5.24
N GLU A 384 -25.58 22.61 -4.75
CA GLU A 384 -24.65 23.15 -3.77
C GLU A 384 -23.89 24.34 -4.34
N ILE A 385 -23.51 24.25 -5.62
CA ILE A 385 -22.81 25.35 -6.29
C ILE A 385 -23.73 26.57 -6.40
N GLU A 386 -24.91 26.37 -6.97
CA GLU A 386 -26.01 27.34 -6.96
C GLU A 386 -26.16 28.04 -5.61
N ASN A 387 -25.98 27.28 -4.53
CA ASN A 387 -26.16 27.72 -3.15
C ASN A 387 -24.96 28.41 -2.47
N ASP A 388 -23.87 28.61 -3.21
CA ASP A 388 -22.63 29.24 -2.74
C ASP A 388 -22.08 28.75 -1.38
N LYS A 389 -22.16 27.47 -1.05
CA LYS A 389 -21.78 27.11 0.32
C LYS A 389 -20.41 26.43 0.62
N HIS A 390 -19.65 26.12 -0.43
CA HIS A 390 -18.33 25.50 -0.30
C HIS A 390 -17.24 26.21 -1.12
N ASP A 391 -16.08 26.41 -0.49
CA ASP A 391 -14.89 26.95 -1.16
C ASP A 391 -14.11 25.91 -1.95
N VAL A 392 -14.05 24.67 -1.43
CA VAL A 392 -13.44 23.53 -2.13
C VAL A 392 -14.38 22.32 -2.29
N ILE A 393 -14.45 21.80 -3.51
CA ILE A 393 -15.33 20.66 -3.83
C ILE A 393 -14.50 19.44 -4.20
N ILE A 394 -14.77 18.31 -3.54
CA ILE A 394 -14.19 17.04 -3.98
C ILE A 394 -15.26 16.09 -4.50
N LEU A 395 -15.23 15.91 -5.82
CA LEU A 395 -16.16 15.08 -6.56
C LEU A 395 -15.45 13.92 -7.23
N ASN A 396 -16.04 12.74 -7.16
CA ASN A 396 -15.59 11.62 -7.99
C ASN A 396 -16.78 11.17 -8.85
N PHE A 397 -16.56 11.06 -10.16
CA PHE A 397 -17.51 10.44 -11.07
C PHE A 397 -17.03 8.99 -11.25
N ALA A 398 -17.83 8.03 -10.83
CA ALA A 398 -17.35 6.65 -10.66
C ALA A 398 -17.54 5.77 -11.89
N ASN A 399 -18.22 6.30 -12.90
CA ASN A 399 -18.78 5.48 -13.96
C ASN A 399 -17.81 4.69 -14.85
N CYS A 400 -16.69 5.30 -15.22
CA CYS A 400 -15.73 4.65 -16.13
C CYS A 400 -14.98 3.48 -15.50
N ASP A 401 -14.76 3.57 -14.19
CA ASP A 401 -14.03 2.55 -13.46
C ASP A 401 -14.95 1.36 -13.20
N MET A 402 -16.15 1.63 -12.70
CA MET A 402 -17.12 0.58 -12.41
C MET A 402 -17.70 -0.08 -13.65
N VAL A 403 -17.96 0.69 -14.70
CA VAL A 403 -18.46 0.11 -15.95
C VAL A 403 -17.30 -0.52 -16.73
N GLY A 404 -16.11 0.03 -16.53
CA GLY A 404 -14.93 -0.41 -17.26
C GLY A 404 -14.39 -1.75 -16.79
N HIS A 405 -14.81 -2.19 -15.61
CA HIS A 405 -14.40 -3.50 -15.12
C HIS A 405 -15.14 -4.60 -15.85
N SER A 406 -16.16 -4.22 -16.61
CA SER A 406 -16.89 -5.18 -17.44
C SER A 406 -16.06 -5.78 -18.57
N GLY A 407 -15.01 -5.07 -18.99
CA GLY A 407 -14.27 -5.43 -20.19
C GLY A 407 -15.17 -5.48 -21.43
N MET A 408 -16.31 -4.79 -21.35
CA MET A 408 -17.26 -4.64 -22.45
C MET A 408 -17.23 -3.22 -22.99
N MET A 409 -17.11 -3.09 -24.32
CA MET A 409 -16.85 -1.80 -24.95
C MET A 409 -18.02 -0.85 -25.06
N GLU A 410 -19.15 -1.38 -25.51
CA GLU A 410 -20.31 -0.55 -25.77
C GLU A 410 -20.95 0.01 -24.50
N PRO A 411 -21.08 -0.79 -23.42
CA PRO A 411 -21.50 -0.23 -22.13
C PRO A 411 -20.55 0.83 -21.57
N THR A 412 -19.25 0.62 -21.74
CA THR A 412 -18.24 1.54 -21.26
C THR A 412 -18.16 2.84 -22.07
N ILE A 413 -18.48 2.78 -23.36
CA ILE A 413 -18.58 4.01 -24.15
C ILE A 413 -19.71 4.87 -23.58
N LYS A 414 -20.87 4.25 -23.36
CA LYS A 414 -22.04 4.89 -22.75
C LYS A 414 -21.70 5.63 -21.47
N ALA A 415 -20.83 5.02 -20.67
CA ALA A 415 -20.42 5.50 -19.35
C ALA A 415 -19.45 6.69 -19.43
N VAL A 416 -18.57 6.67 -20.41
CA VAL A 416 -17.71 7.81 -20.71
C VAL A 416 -18.57 8.97 -21.22
N GLU A 417 -19.57 8.69 -22.04
CA GLU A 417 -20.38 9.81 -22.53
C GLU A 417 -21.43 10.31 -21.55
N ALA A 418 -21.76 9.48 -20.56
CA ALA A 418 -22.61 9.93 -19.48
C ALA A 418 -21.74 10.81 -18.58
N THR A 419 -20.56 10.32 -18.27
CA THR A 419 -19.55 11.10 -17.54
C THR A 419 -19.26 12.39 -18.28
N ASP A 420 -19.08 12.31 -19.60
CA ASP A 420 -18.88 13.50 -20.43
C ASP A 420 -19.97 14.56 -20.18
N GLU A 421 -21.23 14.18 -20.39
CA GLU A 421 -22.37 15.09 -20.21
C GLU A 421 -22.39 15.81 -18.86
N CYS A 422 -22.13 15.06 -17.78
CA CYS A 422 -22.17 15.58 -16.41
C CYS A 422 -21.03 16.51 -16.05
N LEU A 423 -19.88 16.31 -16.69
CA LEU A 423 -18.72 17.15 -16.45
C LEU A 423 -18.89 18.52 -17.08
N GLY A 424 -19.64 18.60 -18.17
CA GLY A 424 -19.98 19.90 -18.75
C GLY A 424 -20.93 20.64 -17.82
N LYS A 425 -21.93 19.90 -17.33
CA LYS A 425 -22.87 20.41 -16.35
C LYS A 425 -22.21 20.92 -15.08
N VAL A 426 -21.25 20.18 -14.54
CA VAL A 426 -20.54 20.56 -13.32
C VAL A 426 -19.61 21.73 -13.53
N VAL A 427 -18.91 21.74 -14.67
CA VAL A 427 -17.94 22.77 -15.03
C VAL A 427 -18.57 24.09 -15.51
N GLU A 428 -19.65 24.04 -16.29
CA GLU A 428 -20.45 25.26 -16.53
C GLU A 428 -20.87 25.93 -15.21
N ALA A 429 -21.20 25.12 -14.20
CA ALA A 429 -21.80 25.64 -12.97
C ALA A 429 -20.71 26.31 -12.17
N ILE A 430 -19.53 25.67 -12.19
CA ILE A 430 -18.34 26.16 -11.49
C ILE A 430 -17.85 27.47 -12.09
N LEU A 431 -17.57 27.47 -13.40
CA LEU A 431 -17.22 28.68 -14.14
C LEU A 431 -18.24 29.79 -13.95
N ALA A 432 -19.52 29.44 -13.84
CA ALA A 432 -20.54 30.46 -13.59
C ALA A 432 -20.27 31.27 -12.31
N LYS A 433 -19.63 30.64 -11.33
CA LYS A 433 -19.40 31.28 -10.04
C LYS A 433 -17.99 31.87 -9.93
N ASP A 434 -17.37 32.09 -11.09
CA ASP A 434 -15.99 32.55 -11.22
C ASP A 434 -14.94 31.67 -10.53
N GLY A 435 -15.24 30.38 -10.44
CA GLY A 435 -14.34 29.42 -9.79
C GLY A 435 -13.49 28.64 -10.78
N VAL A 436 -12.76 27.65 -10.26
CA VAL A 436 -11.82 26.89 -11.08
C VAL A 436 -11.98 25.39 -10.89
N ALA A 437 -11.98 24.67 -12.00
CA ALA A 437 -12.04 23.22 -11.98
C ALA A 437 -10.67 22.61 -12.31
N LEU A 438 -10.32 21.59 -11.53
CA LEU A 438 -9.22 20.69 -11.82
C LEU A 438 -9.85 19.36 -12.29
N ILE A 439 -9.74 19.04 -13.57
CA ILE A 439 -10.34 17.82 -14.10
C ILE A 439 -9.23 16.77 -14.15
N THR A 440 -9.45 15.65 -13.48
CA THR A 440 -8.43 14.61 -13.43
C THR A 440 -8.99 13.18 -13.47
N ALA A 441 -8.12 12.22 -13.20
CA ALA A 441 -8.52 10.85 -12.93
C ALA A 441 -7.52 10.28 -11.95
N ASP A 442 -7.88 9.18 -11.28
CA ASP A 442 -7.02 8.62 -10.24
C ASP A 442 -6.17 7.42 -10.74
N HIS A 443 -6.51 6.96 -11.93
CA HIS A 443 -5.87 5.86 -12.65
C HIS A 443 -6.82 5.60 -13.82
N GLY A 444 -6.45 4.67 -14.70
CA GLY A 444 -7.21 4.40 -15.91
C GLY A 444 -7.81 3.01 -15.89
N ASN A 445 -8.57 2.68 -16.93
CA ASN A 445 -9.42 1.49 -16.92
C ASN A 445 -10.24 1.46 -18.20
N ALA A 446 -11.12 2.44 -18.36
CA ALA A 446 -12.03 2.52 -19.51
C ALA A 446 -11.31 2.56 -20.86
N ASP A 447 -10.07 3.07 -20.83
CA ASP A 447 -9.17 3.19 -21.98
C ASP A 447 -8.63 1.88 -22.55
N GLU A 448 -8.72 0.81 -21.78
CA GLU A 448 -8.34 -0.52 -22.29
C GLU A 448 -9.37 -1.55 -21.86
N GLU A 449 -10.33 -1.79 -22.74
CA GLU A 449 -11.43 -2.71 -22.51
C GLU A 449 -11.23 -4.03 -23.23
N LEU A 450 -10.46 -3.99 -24.30
CA LEU A 450 -10.03 -5.19 -25.00
C LEU A 450 -8.51 -5.29 -24.93
N THR A 451 -8.01 -6.53 -25.00
CA THR A 451 -6.57 -6.81 -24.95
C THR A 451 -6.04 -7.01 -26.36
N SER A 452 -4.78 -7.45 -26.44
CA SER A 452 -4.15 -7.94 -27.66
C SER A 452 -5.11 -8.59 -28.66
N GLU A 453 -5.78 -9.66 -28.21
CA GLU A 453 -6.64 -10.46 -29.09
C GLU A 453 -8.15 -10.29 -28.87
N GLY A 454 -8.56 -9.11 -28.41
CA GLY A 454 -9.99 -8.85 -28.22
C GLY A 454 -10.68 -9.65 -27.12
N GLU A 455 -9.91 -10.02 -26.09
CA GLU A 455 -10.49 -10.67 -24.92
C GLU A 455 -10.87 -9.57 -23.93
N PRO A 456 -11.91 -9.82 -23.12
CA PRO A 456 -12.33 -8.91 -22.05
C PRO A 456 -11.15 -8.44 -21.21
N MET A 457 -11.03 -7.12 -21.05
CA MET A 457 -10.00 -6.52 -20.21
C MET A 457 -10.71 -5.85 -19.02
N THR A 458 -10.67 -6.54 -17.88
CA THR A 458 -11.47 -6.17 -16.72
C THR A 458 -10.70 -5.45 -15.60
N ALA A 459 -9.47 -5.04 -15.87
CA ALA A 459 -8.63 -4.41 -14.85
C ALA A 459 -8.35 -2.95 -15.15
N HIS A 460 -7.76 -2.26 -14.17
CA HIS A 460 -7.29 -0.91 -14.36
C HIS A 460 -6.14 -0.94 -15.37
N THR A 461 -5.79 0.21 -15.93
CA THR A 461 -4.62 0.30 -16.82
C THR A 461 -3.43 0.96 -16.13
N THR A 462 -2.31 0.96 -16.84
CA THR A 462 -1.04 1.61 -16.49
C THR A 462 -0.95 3.06 -17.03
N ASN A 463 -1.87 3.41 -17.94
CA ASN A 463 -1.88 4.70 -18.64
C ASN A 463 -1.89 6.01 -17.82
N PRO A 464 -1.23 7.06 -18.33
CA PRO A 464 -1.34 8.40 -17.76
C PRO A 464 -2.76 8.91 -17.58
N VAL A 465 -2.91 9.87 -16.66
CA VAL A 465 -4.21 10.47 -16.41
C VAL A 465 -4.21 11.94 -16.83
N PRO A 466 -5.33 12.40 -17.39
CA PRO A 466 -5.42 13.78 -17.87
C PRO A 466 -5.41 14.75 -16.69
N PHE A 467 -5.12 16.02 -17.00
CA PHE A 467 -5.13 17.06 -15.98
C PHE A 467 -5.40 18.40 -16.66
N ILE A 468 -6.60 18.92 -16.44
CA ILE A 468 -6.98 20.23 -16.96
C ILE A 468 -7.18 21.23 -15.81
N VAL A 469 -6.82 22.48 -16.09
CA VAL A 469 -7.07 23.57 -15.18
C VAL A 469 -7.90 24.59 -15.96
N THR A 470 -9.13 24.83 -15.52
CA THR A 470 -10.01 25.80 -16.18
C THR A 470 -9.72 27.23 -15.78
N LYS A 471 -8.43 27.60 -15.85
CA LYS A 471 -7.93 28.94 -15.59
C LYS A 471 -7.04 29.36 -16.76
N ASN A 472 -7.44 30.43 -17.45
CA ASN A 472 -6.84 30.75 -18.76
C ASN A 472 -5.33 30.85 -18.86
N ASP A 473 -4.70 31.68 -18.04
CA ASP A 473 -3.29 31.96 -18.22
C ASP A 473 -2.32 31.23 -17.27
N VAL A 474 -2.44 29.91 -17.17
CA VAL A 474 -1.44 29.15 -16.40
C VAL A 474 -0.65 28.13 -17.23
N GLU A 475 0.65 28.10 -17.02
CA GLU A 475 1.52 27.07 -17.56
C GLU A 475 1.53 25.86 -16.63
N LEU A 476 1.57 24.68 -17.23
CA LEU A 476 1.57 23.43 -16.47
C LEU A 476 2.78 22.54 -16.79
N ARG A 477 3.35 21.95 -15.75
CA ARG A 477 4.44 20.96 -15.88
C ARG A 477 4.02 19.73 -16.68
N GLU A 478 5.00 19.03 -17.23
CA GLU A 478 4.78 17.81 -18.02
C GLU A 478 5.00 16.53 -17.23
N ASP A 479 5.84 16.56 -16.21
CA ASP A 479 6.09 15.35 -15.42
C ASP A 479 4.77 14.94 -14.77
N GLY A 480 4.42 15.69 -13.72
CA GLY A 480 3.17 15.53 -12.97
C GLY A 480 2.95 14.17 -12.36
N ILE A 481 2.71 14.13 -11.05
CA ILE A 481 2.16 12.96 -10.37
C ILE A 481 0.96 13.34 -9.50
N LEU A 482 0.33 12.35 -8.86
CA LEU A 482 -0.88 12.57 -8.05
C LEU A 482 -0.66 13.34 -6.77
N GLY A 483 0.55 13.23 -6.23
CA GLY A 483 0.97 13.94 -5.03
C GLY A 483 1.22 15.41 -5.31
N ASP A 484 1.17 15.75 -6.59
CA ASP A 484 1.41 17.11 -7.07
C ASP A 484 0.13 17.94 -7.11
N ILE A 485 -1.02 17.25 -7.22
CA ILE A 485 -2.34 17.86 -7.32
C ILE A 485 -2.81 18.70 -6.13
N ALA A 486 -2.72 18.15 -4.91
CA ALA A 486 -3.05 18.93 -3.72
C ALA A 486 -2.33 20.28 -3.66
N PRO A 487 -1.00 20.29 -3.85
CA PRO A 487 -0.17 21.50 -3.92
C PRO A 487 -0.61 22.52 -4.96
N THR A 488 -1.09 22.05 -6.09
CA THR A 488 -1.58 22.94 -7.14
C THR A 488 -2.98 23.49 -6.85
N MET A 489 -3.73 22.83 -5.96
CA MET A 489 -4.99 23.35 -5.44
C MET A 489 -4.74 24.49 -4.44
N LEU A 490 -3.72 24.32 -3.60
CA LEU A 490 -3.27 25.38 -2.72
C LEU A 490 -2.68 26.59 -3.47
N THR A 491 -2.17 26.37 -4.68
CA THR A 491 -1.75 27.45 -5.58
C THR A 491 -2.98 28.25 -6.05
N LEU A 492 -4.02 27.56 -6.50
CA LEU A 492 -5.29 28.18 -6.88
C LEU A 492 -5.97 28.88 -5.70
N LEU A 493 -5.90 28.26 -4.52
CA LEU A 493 -6.58 28.77 -3.34
C LEU A 493 -5.79 29.86 -2.59
N GLY A 494 -4.49 29.96 -2.83
CA GLY A 494 -3.66 31.01 -2.23
C GLY A 494 -3.30 30.80 -0.77
N VAL A 495 -3.47 29.57 -0.31
CA VAL A 495 -3.09 29.12 1.03
C VAL A 495 -1.73 28.44 0.97
N GLU A 496 -0.88 28.73 1.96
CA GLU A 496 0.47 28.17 2.06
C GLU A 496 0.58 26.63 2.13
N GLN A 497 1.55 26.07 1.41
CA GLN A 497 1.78 24.62 1.41
C GLN A 497 2.67 24.20 2.58
N PRO A 498 2.19 23.25 3.41
CA PRO A 498 2.93 22.83 4.61
C PRO A 498 4.11 21.90 4.32
N LYS A 499 5.02 21.81 5.29
CA LYS A 499 6.18 20.92 5.20
C LYS A 499 5.93 19.48 4.79
N GLU A 500 4.85 18.89 5.27
CA GLU A 500 4.59 17.46 5.07
C GLU A 500 4.15 17.10 3.65
N MET A 501 3.66 18.09 2.92
CA MET A 501 3.33 17.92 1.52
C MET A 501 4.56 18.09 0.64
N THR A 502 5.18 16.97 0.26
CA THR A 502 6.46 16.98 -0.45
C THR A 502 6.26 17.06 -1.96
N GLY A 503 5.00 17.01 -2.38
CA GLY A 503 4.61 17.19 -3.78
C GLY A 503 4.84 18.63 -4.20
N LYS A 504 4.89 18.83 -5.51
CA LYS A 504 5.19 20.13 -6.09
C LYS A 504 4.00 20.59 -6.93
N THR A 505 3.70 21.88 -6.88
CA THR A 505 2.65 22.44 -7.72
C THR A 505 2.92 22.23 -9.22
N ILE A 506 1.85 21.99 -9.98
CA ILE A 506 1.93 21.84 -11.44
C ILE A 506 1.95 23.18 -12.19
N ILE A 507 1.54 24.25 -11.53
CA ILE A 507 1.50 25.57 -12.17
C ILE A 507 2.89 26.20 -12.20
N LYS A 508 3.43 26.34 -13.41
CA LYS A 508 4.71 27.01 -13.64
C LYS A 508 4.53 28.52 -13.75
#